data_3GER
#
_entry.id   3GER
#
_cell.length_a   132.100
_cell.length_b   35.120
_cell.length_c   41.810
_cell.angle_alpha   90.00
_cell.angle_beta   90.03
_cell.angle_gamma   90.00
#
_symmetry.space_group_name_H-M   'C 1 2 1'
#
loop_
_entity.id
_entity.type
_entity.pdbx_description
1 polymer 'Guanine riboswitch'
2 non-polymer 6-chloroguanine
3 non-polymer 'ACETATE ION'
4 non-polymer 'COBALT HEXAMMINE(III)'
5 water water
#
_entity_poly.entity_id   1
_entity_poly.type   'polyribonucleotide'
_entity_poly.pdbx_seq_one_letter_code
;GGACAUAUAAUCGCGUGGAUAUGGCACGCAAGUUUCUACCGGGCACCGUAAAUGUCCGACUAUGUCC
;
_entity_poly.pdbx_strand_id   A
#